data_4JWE
#
_entry.id   4JWE
#
_cell.length_a   77.659
_cell.length_b   162.531
_cell.length_c   44.783
_cell.angle_alpha   90.00
_cell.angle_beta   90.00
_cell.angle_gamma   90.00
#
_symmetry.space_group_name_H-M   'P 21 21 2'
#
loop_
_entity.id
_entity.type
_entity.pdbx_description
1 polymer 'Chaperone protein DnaK'
2 polymer Cathelicidin-3
3 non-polymer 'SULFATE ION'
4 water water
#
loop_
_entity_poly.entity_id
_entity_poly.type
_entity_poly.pdbx_seq_one_letter_code
_entity_poly.pdbx_strand_id
1 'polypeptide(L)'
;VLLLDVTPLSLGIETMGGVMTTLIAKNTTIPTKHSQVFSTAEDNQSAVTIHVLQGERKRAADNKSLGQFNLDGINPAPRG
MPQIEVTFDIDADGILHVSAKDKNSGKEQKITIKASSGLNEDEIQKMVRDAEANAEADRKFEELVQTRNQGDHLLHSTRK
QVEEAGDKLPADDKTAIESALTALETALKGEDKAAIEAKMQELAQVSQKLMEIAQQQHA
;
A,B
2 'polypeptide(L)' RRLRPRRPRLPRPRPRPRPRP C,D
#
# COMPACT_ATOMS: atom_id res chain seq x y z
N VAL A 1 10.45 8.23 36.72
CA VAL A 1 8.98 8.17 36.56
C VAL A 1 8.53 6.80 36.00
N LEU A 2 7.39 6.30 36.47
CA LEU A 2 6.84 5.03 36.01
C LEU A 2 5.74 5.23 34.98
N LEU A 3 5.37 6.48 34.72
CA LEU A 3 4.38 6.79 33.70
C LEU A 3 4.65 8.15 33.10
N LEU A 4 4.22 8.36 31.86
CA LEU A 4 4.30 9.64 31.18
C LEU A 4 3.45 9.68 29.92
N ASP A 5 3.21 10.87 29.40
CA ASP A 5 2.43 11.03 28.20
C ASP A 5 3.32 10.97 26.99
N VAL A 6 2.92 10.14 26.03
CA VAL A 6 3.56 10.02 24.73
C VAL A 6 2.50 10.23 23.66
N THR A 7 2.95 10.54 22.44
CA THR A 7 2.11 10.49 21.26
C THR A 7 2.29 9.01 20.80
N PRO A 8 1.21 8.22 20.70
CA PRO A 8 1.36 6.76 20.49
C PRO A 8 1.78 6.24 19.11
N LEU A 9 1.68 7.10 18.08
CA LEU A 9 2.05 6.74 16.71
C LEU A 9 2.84 7.85 16.04
N SER A 10 3.59 7.49 14.99
CA SER A 10 4.37 8.46 14.23
C SER A 10 3.41 9.44 13.59
N LEU A 11 3.84 10.70 13.55
CA LEU A 11 3.09 11.80 12.94
C LEU A 11 3.95 12.41 11.87
N GLY A 12 3.35 12.61 10.70
CA GLY A 12 4.08 13.18 9.58
C GLY A 12 3.18 13.71 8.49
N ILE A 13 3.75 13.92 7.31
CA ILE A 13 3.00 14.46 6.20
C ILE A 13 3.20 13.62 4.97
N GLU A 14 2.25 13.73 4.03
CA GLU A 14 2.38 13.05 2.75
C GLU A 14 3.40 13.79 1.89
N THR A 15 4.32 13.04 1.27
CA THR A 15 5.28 13.64 0.34
C THR A 15 5.19 12.98 -1.01
N MET A 16 5.81 13.60 -2.03
CA MET A 16 5.87 13.19 -3.42
C MET A 16 5.91 11.66 -3.62
N GLY A 17 4.94 11.13 -4.38
CA GLY A 17 4.87 9.69 -4.66
C GLY A 17 4.01 8.86 -3.71
N GLY A 18 3.32 9.52 -2.77
CA GLY A 18 2.38 8.88 -1.85
C GLY A 18 3.00 8.22 -0.64
N VAL A 19 4.12 8.77 -0.18
CA VAL A 19 4.87 8.27 0.96
C VAL A 19 4.61 9.16 2.21
N MET A 20 4.64 8.56 3.40
CA MET A 20 4.52 9.34 4.63
C MET A 20 5.93 9.65 5.09
N THR A 21 6.23 10.94 5.29
CA THR A 21 7.49 11.41 5.87
C THR A 21 7.19 11.78 7.36
N THR A 22 7.87 11.12 8.30
CA THR A 22 7.71 11.34 9.74
C THR A 22 8.37 12.59 10.28
N LEU A 23 7.62 13.36 11.08
CA LEU A 23 8.17 14.52 11.80
C LEU A 23 8.35 14.20 13.26
N ILE A 24 7.43 13.41 13.85
CA ILE A 24 7.50 13.00 15.26
C ILE A 24 7.34 11.48 15.29
N ALA A 25 8.37 10.77 15.78
CA ALA A 25 8.35 9.32 15.88
C ALA A 25 7.34 8.82 16.93
N LYS A 26 6.83 7.60 16.74
CA LYS A 26 5.93 6.98 17.73
C LYS A 26 6.59 6.91 19.11
N ASN A 27 5.78 7.07 20.18
CA ASN A 27 6.25 7.03 21.57
C ASN A 27 7.13 8.18 22.01
N THR A 28 7.12 9.30 21.28
CA THR A 28 7.87 10.49 21.68
C THR A 28 7.11 11.11 22.87
N THR A 29 7.84 11.50 23.92
CA THR A 29 7.20 12.13 25.08
C THR A 29 6.64 13.46 24.68
N ILE A 30 5.49 13.79 25.22
CA ILE A 30 4.89 15.09 24.96
C ILE A 30 4.97 15.98 26.21
N PRO A 31 5.09 17.32 26.12
CA PRO A 31 5.13 18.15 24.91
C PRO A 31 6.38 17.94 24.06
N THR A 32 6.25 18.12 22.77
CA THR A 32 7.38 17.97 21.84
C THR A 32 7.19 18.91 20.63
N LYS A 33 8.29 19.26 19.96
CA LYS A 33 8.20 20.10 18.78
C LYS A 33 9.27 19.65 17.81
N HIS A 34 8.95 19.59 16.51
CA HIS A 34 9.93 19.23 15.48
CA HIS A 34 9.90 19.17 15.48
C HIS A 34 9.60 19.93 14.18
N SER A 35 10.63 20.44 13.52
CA SER A 35 10.50 21.14 12.24
C SER A 35 11.39 20.48 11.20
N GLN A 36 10.93 20.50 9.95
CA GLN A 36 11.70 19.98 8.82
C GLN A 36 11.41 20.85 7.60
N VAL A 37 12.43 21.11 6.78
CA VAL A 37 12.26 21.93 5.57
C VAL A 37 11.92 21.00 4.39
N PHE A 38 10.88 21.34 3.65
CA PHE A 38 10.44 20.60 2.46
C PHE A 38 10.57 21.51 1.25
N SER A 39 10.47 20.94 0.06
CA SER A 39 10.47 21.76 -1.14
C SER A 39 9.33 21.31 -2.05
N THR A 40 9.23 21.90 -3.22
CA THR A 40 8.18 21.61 -4.20
C THR A 40 8.52 20.40 -5.06
N ALA A 41 7.49 19.62 -5.44
CA ALA A 41 7.66 18.43 -6.28
C ALA A 41 7.92 18.76 -7.75
N GLU A 42 7.24 19.81 -8.29
CA GLU A 42 7.28 20.20 -9.72
C GLU A 42 7.84 21.61 -9.97
N ASP A 43 8.35 21.86 -11.19
CA ASP A 43 8.83 23.19 -11.60
C ASP A 43 7.63 24.16 -11.61
N ASN A 44 7.84 25.42 -11.18
CA ASN A 44 6.79 26.46 -11.19
C ASN A 44 5.58 26.21 -10.27
N GLN A 45 5.76 25.40 -9.23
CA GLN A 45 4.69 25.09 -8.29
C GLN A 45 4.43 26.27 -7.33
N SER A 46 3.20 26.79 -7.34
CA SER A 46 2.88 27.96 -6.52
C SER A 46 2.10 27.61 -5.26
N ALA A 47 1.67 26.35 -5.14
CA ALA A 47 0.92 25.92 -3.97
C ALA A 47 1.31 24.51 -3.58
N VAL A 48 1.26 24.21 -2.28
CA VAL A 48 1.55 22.87 -1.74
C VAL A 48 0.41 22.46 -0.81
N THR A 49 0.21 21.16 -0.66
CA THR A 49 -0.75 20.60 0.29
C THR A 49 0.03 19.98 1.42
N ILE A 50 -0.39 20.30 2.66
CA ILE A 50 0.19 19.72 3.87
C ILE A 50 -0.88 18.78 4.39
N HIS A 51 -0.70 17.47 4.16
CA HIS A 51 -1.64 16.42 4.54
C HIS A 51 -1.03 15.74 5.76
N VAL A 52 -1.64 15.94 6.93
CA VAL A 52 -1.16 15.42 8.22
C VAL A 52 -1.64 13.97 8.45
N LEU A 53 -0.69 13.06 8.74
CA LEU A 53 -0.98 11.64 8.93
C LEU A 53 -0.47 11.10 10.26
N GLN A 54 -1.16 10.08 10.76
CA GLN A 54 -0.76 9.36 11.96
C GLN A 54 -0.65 7.87 11.62
N GLY A 55 0.50 7.29 11.91
CA GLY A 55 0.69 5.87 11.64
C GLY A 55 2.11 5.45 11.35
N GLU A 56 2.29 4.12 11.15
CA GLU A 56 3.62 3.54 10.93
C GLU A 56 3.84 3.02 9.53
N ARG A 57 2.86 3.21 8.64
CA ARG A 57 2.98 2.69 7.27
C ARG A 57 3.76 3.59 6.34
N LYS A 58 4.42 2.99 5.32
CA LYS A 58 5.18 3.79 4.36
C LYS A 58 4.28 4.41 3.30
N ARG A 59 3.14 3.75 2.95
CA ARG A 59 2.19 4.35 2.00
C ARG A 59 1.35 5.33 2.81
N ALA A 60 1.31 6.62 2.40
CA ALA A 60 0.54 7.68 3.05
C ALA A 60 -0.94 7.27 3.22
N ALA A 61 -1.53 6.66 2.17
CA ALA A 61 -2.92 6.18 2.13
C ALA A 61 -3.22 5.10 3.18
N ASP A 62 -2.18 4.43 3.74
CA ASP A 62 -2.41 3.39 4.77
C ASP A 62 -2.45 3.96 6.19
N ASN A 63 -2.10 5.23 6.35
CA ASN A 63 -2.10 5.88 7.66
C ASN A 63 -3.39 6.64 7.93
N LYS A 64 -3.65 7.01 9.20
CA LYS A 64 -4.85 7.76 9.58
C LYS A 64 -4.69 9.27 9.23
N SER A 65 -5.62 9.81 8.41
CA SER A 65 -5.57 11.24 8.07
C SER A 65 -6.08 12.06 9.28
N LEU A 66 -5.32 13.08 9.66
CA LEU A 66 -5.66 13.97 10.79
C LEU A 66 -6.22 15.31 10.32
N GLY A 67 -5.88 15.69 9.11
CA GLY A 67 -6.32 16.96 8.54
C GLY A 67 -5.38 17.40 7.46
N GLN A 68 -5.74 18.49 6.77
CA GLN A 68 -4.92 19.00 5.70
C GLN A 68 -5.23 20.45 5.46
N PHE A 69 -4.25 21.14 4.85
CA PHE A 69 -4.40 22.55 4.49
C PHE A 69 -3.47 22.84 3.34
N ASN A 70 -3.79 23.92 2.63
CA ASN A 70 -2.97 24.37 1.51
C ASN A 70 -2.17 25.60 1.90
N LEU A 71 -1.02 25.74 1.27
CA LEU A 71 -0.17 26.91 1.38
C LEU A 71 0.08 27.38 -0.04
N ASP A 72 -0.39 28.59 -0.39
CA ASP A 72 -0.17 29.15 -1.73
C ASP A 72 0.62 30.46 -1.72
N GLY A 73 0.75 31.08 -2.88
CA GLY A 73 1.49 32.34 -3.06
C GLY A 73 2.99 32.12 -3.18
N ILE A 74 3.42 30.85 -3.38
CA ILE A 74 4.85 30.54 -3.52
C ILE A 74 5.25 31.06 -4.91
N ASN A 75 6.38 31.78 -4.97
CA ASN A 75 6.85 32.29 -6.24
C ASN A 75 7.21 31.08 -7.14
N PRO A 76 6.62 30.99 -8.36
CA PRO A 76 6.95 29.86 -9.26
C PRO A 76 8.44 29.80 -9.55
N ALA A 77 9.06 28.67 -9.23
CA ALA A 77 10.51 28.50 -9.33
C ALA A 77 10.87 27.04 -9.65
N PRO A 78 12.16 26.72 -9.97
CA PRO A 78 12.54 25.32 -10.21
C PRO A 78 12.24 24.43 -9.01
N ARG A 79 11.87 23.17 -9.29
CA ARG A 79 11.57 22.23 -8.19
C ARG A 79 12.80 22.10 -7.28
N GLY A 80 12.58 21.99 -5.97
CA GLY A 80 13.70 21.92 -5.02
C GLY A 80 14.23 23.25 -4.53
N MET A 81 13.85 24.36 -5.19
CA MET A 81 14.29 25.69 -4.79
C MET A 81 13.49 26.25 -3.56
N PRO A 82 12.13 26.24 -3.57
CA PRO A 82 11.39 26.75 -2.39
C PRO A 82 11.78 26.04 -1.08
N GLN A 83 11.80 26.79 0.04
CA GLN A 83 12.12 26.23 1.36
C GLN A 83 10.86 26.38 2.21
N ILE A 84 10.09 25.29 2.34
CA ILE A 84 8.85 25.27 3.09
C ILE A 84 9.11 24.62 4.44
N GLU A 85 9.21 25.43 5.50
CA GLU A 85 9.42 24.89 6.84
C GLU A 85 8.11 24.37 7.42
N VAL A 86 8.05 23.07 7.72
CA VAL A 86 6.86 22.45 8.31
C VAL A 86 7.20 22.15 9.77
N THR A 87 6.35 22.62 10.70
CA THR A 87 6.53 22.43 12.14
C THR A 87 5.34 21.69 12.75
N PHE A 88 5.64 20.71 13.62
CA PHE A 88 4.64 19.95 14.38
C PHE A 88 4.95 20.24 15.84
N ASP A 89 3.99 20.79 16.55
CA ASP A 89 4.18 21.08 17.95
C ASP A 89 3.03 20.45 18.74
N ILE A 90 3.32 19.50 19.62
CA ILE A 90 2.28 18.89 20.45
C ILE A 90 2.42 19.48 21.85
N ASP A 91 1.35 20.08 22.37
CA ASP A 91 1.46 20.63 23.73
C ASP A 91 1.29 19.56 24.82
N ALA A 92 1.35 19.94 26.10
CA ALA A 92 1.21 19.00 27.23
C ALA A 92 -0.16 18.32 27.31
N ASP A 93 -1.20 18.94 26.71
CA ASP A 93 -2.57 18.41 26.70
C ASP A 93 -2.86 17.55 25.43
N GLY A 94 -1.82 17.31 24.63
CA GLY A 94 -1.92 16.49 23.42
C GLY A 94 -2.47 17.21 22.21
N ILE A 95 -2.61 18.56 22.29
CA ILE A 95 -3.11 19.34 21.14
C ILE A 95 -1.99 19.50 20.12
N LEU A 96 -2.26 19.15 18.85
CA LEU A 96 -1.25 19.22 17.80
C LEU A 96 -1.44 20.45 16.95
N HIS A 97 -0.38 21.28 16.84
CA HIS A 97 -0.36 22.46 16.00
C HIS A 97 0.58 22.17 14.85
N VAL A 98 0.09 22.31 13.62
CA VAL A 98 0.93 22.07 12.45
C VAL A 98 0.93 23.36 11.67
N SER A 99 2.13 23.85 11.31
CA SER A 99 2.27 25.06 10.49
C SER A 99 3.23 24.80 9.32
N ALA A 100 3.07 25.54 8.23
CA ALA A 100 3.98 25.46 7.08
C ALA A 100 4.25 26.90 6.64
N LYS A 101 5.53 27.25 6.50
CA LYS A 101 5.88 28.60 6.08
C LYS A 101 6.84 28.55 4.90
N ASP A 102 6.53 29.33 3.85
CA ASP A 102 7.44 29.41 2.71
C ASP A 102 8.46 30.51 3.04
N LYS A 103 9.74 30.15 3.16
CA LYS A 103 10.78 31.11 3.55
C LYS A 103 10.94 32.33 2.65
N ASN A 104 10.85 32.14 1.32
CA ASN A 104 11.01 33.26 0.39
C ASN A 104 9.85 34.27 0.46
N SER A 105 8.60 33.78 0.39
CA SER A 105 7.45 34.71 0.38
C SER A 105 6.98 35.13 1.75
N GLY A 106 7.33 34.33 2.77
CA GLY A 106 6.87 34.57 4.13
C GLY A 106 5.45 34.09 4.35
N LYS A 107 4.81 33.49 3.32
CA LYS A 107 3.43 32.98 3.40
C LYS A 107 3.37 31.82 4.39
N GLU A 108 2.37 31.84 5.28
CA GLU A 108 2.25 30.82 6.31
C GLU A 108 0.78 30.41 6.51
N GLN A 109 0.57 29.14 6.77
CA GLN A 109 -0.74 28.58 7.06
C GLN A 109 -0.57 27.53 8.18
N LYS A 110 -1.62 27.34 8.99
CA LYS A 110 -1.60 26.43 10.13
C LYS A 110 -2.94 25.76 10.37
N ILE A 111 -2.92 24.69 11.16
CA ILE A 111 -4.10 23.93 11.60
C ILE A 111 -3.88 23.47 13.03
N THR A 112 -4.96 23.34 13.77
CA THR A 112 -4.99 22.81 15.13
C THR A 112 -5.75 21.50 15.07
N ILE A 113 -5.15 20.44 15.62
CA ILE A 113 -5.74 19.08 15.67
C ILE A 113 -5.91 18.70 17.14
N LYS A 114 -7.17 18.48 17.55
CA LYS A 114 -7.57 18.11 18.92
C LYS A 114 -6.89 16.81 19.38
N ALA A 115 -6.61 16.71 20.70
CA ALA A 115 -5.96 15.53 21.30
C ALA A 115 -6.72 14.23 21.09
N SER A 116 -8.07 14.31 21.02
CA SER A 116 -8.95 13.13 20.83
C SER A 116 -8.86 12.56 19.39
N SER A 117 -8.26 13.30 18.43
CA SER A 117 -8.12 12.89 17.01
C SER A 117 -7.30 11.60 16.84
N GLY A 118 -7.42 10.97 15.68
CA GLY A 118 -6.65 9.78 15.35
C GLY A 118 -7.21 8.45 15.82
N LEU A 119 -6.31 7.47 15.92
CA LEU A 119 -6.63 6.09 16.24
C LEU A 119 -6.73 5.81 17.72
N ASN A 120 -7.67 4.92 18.11
CA ASN A 120 -7.88 4.53 19.51
C ASN A 120 -6.91 3.41 19.90
N GLU A 121 -6.92 2.94 21.16
CA GLU A 121 -5.96 1.92 21.63
C GLU A 121 -5.87 0.64 20.78
N ASP A 122 -7.04 0.06 20.41
CA ASP A 122 -7.08 -1.15 19.61
CA ASP A 122 -7.12 -1.15 19.59
C ASP A 122 -6.53 -0.89 18.20
N GLU A 123 -6.88 0.25 17.59
CA GLU A 123 -6.38 0.64 16.27
C GLU A 123 -4.89 0.95 16.30
N ILE A 124 -4.38 1.47 17.43
CA ILE A 124 -2.94 1.73 17.62
C ILE A 124 -2.17 0.40 17.62
N GLN A 125 -2.69 -0.58 18.39
CA GLN A 125 -2.14 -1.94 18.43
C GLN A 125 -2.19 -2.61 17.04
N LYS A 126 -3.31 -2.50 16.33
CA LYS A 126 -3.44 -3.07 14.96
C LYS A 126 -2.45 -2.41 13.99
N MET A 127 -2.29 -1.07 14.07
CA MET A 127 -1.35 -0.29 13.23
C MET A 127 0.10 -0.82 13.42
N VAL A 128 0.54 -0.99 14.68
CA VAL A 128 1.89 -1.49 15.05
C VAL A 128 2.12 -2.91 14.50
N ARG A 129 1.12 -3.82 14.68
CA ARG A 129 1.15 -5.20 14.17
C ARG A 129 1.18 -5.22 12.64
N ASP A 130 0.32 -4.43 11.96
CA ASP A 130 0.25 -4.34 10.50
C ASP A 130 1.53 -3.82 9.89
N ALA A 131 2.17 -2.80 10.52
CA ALA A 131 3.45 -2.24 10.06
C ALA A 131 4.55 -3.30 10.13
N GLU A 132 4.59 -4.07 11.23
CA GLU A 132 5.52 -5.16 11.51
C GLU A 132 5.34 -6.26 10.45
N ALA A 133 4.08 -6.69 10.21
CA ALA A 133 3.79 -7.78 9.27
C ALA A 133 4.06 -7.41 7.81
N ASN A 134 4.03 -6.10 7.49
CA ASN A 134 4.27 -5.57 6.16
C ASN A 134 5.58 -4.82 6.02
N ALA A 135 6.54 -5.05 6.96
CA ALA A 135 7.85 -4.35 6.98
C ALA A 135 8.61 -4.47 5.64
N GLU A 136 8.75 -5.69 5.12
CA GLU A 136 9.46 -5.94 3.85
C GLU A 136 8.75 -5.26 2.68
N ALA A 137 7.40 -5.41 2.59
CA ALA A 137 6.58 -4.81 1.53
C ALA A 137 6.61 -3.27 1.55
N ASP A 138 6.60 -2.67 2.76
CA ASP A 138 6.63 -1.21 2.94
C ASP A 138 8.01 -0.69 2.55
N ARG A 139 9.08 -1.47 2.87
CA ARG A 139 10.45 -1.13 2.47
C ARG A 139 10.55 -1.13 0.93
N LYS A 140 10.00 -2.15 0.28
CA LYS A 140 9.97 -2.33 -1.18
C LYS A 140 9.22 -1.15 -1.83
N PHE A 141 8.06 -0.74 -1.22
CA PHE A 141 7.28 0.40 -1.69
C PHE A 141 8.11 1.68 -1.66
N GLU A 142 8.79 1.93 -0.53
CA GLU A 142 9.66 3.11 -0.34
C GLU A 142 10.81 3.13 -1.36
N GLU A 143 11.40 1.95 -1.63
CA GLU A 143 12.50 1.82 -2.60
C GLU A 143 11.99 2.09 -4.04
N LEU A 144 10.74 1.66 -4.34
CA LEU A 144 10.09 1.90 -5.63
C LEU A 144 9.85 3.40 -5.85
N VAL A 145 9.27 4.08 -4.85
CA VAL A 145 8.99 5.52 -4.92
C VAL A 145 10.29 6.33 -5.11
N GLN A 146 11.36 5.95 -4.41
CA GLN A 146 12.67 6.62 -4.57
C GLN A 146 13.16 6.46 -6.00
N THR A 147 13.02 5.24 -6.55
CA THR A 147 13.44 4.91 -7.92
C THR A 147 12.56 5.67 -8.91
N ARG A 148 11.23 5.72 -8.66
CA ARG A 148 10.27 6.46 -9.48
C ARG A 148 10.62 7.95 -9.51
N ASN A 149 10.98 8.52 -8.34
CA ASN A 149 11.36 9.92 -8.20
C ASN A 149 12.71 10.19 -8.87
N GLN A 150 13.70 9.25 -8.75
CA GLN A 150 15.01 9.36 -9.41
C GLN A 150 14.82 9.21 -10.93
N GLY A 151 13.88 8.33 -11.32
CA GLY A 151 13.50 8.08 -12.70
C GLY A 151 12.99 9.37 -13.31
N ASP A 152 12.13 10.06 -12.54
CA ASP A 152 11.59 11.38 -12.91
C ASP A 152 12.70 12.44 -12.98
N HIS A 153 13.72 12.39 -12.07
CA HIS A 153 14.88 13.31 -12.08
C HIS A 153 15.69 13.13 -13.37
N LEU A 154 15.91 11.87 -13.79
CA LEU A 154 16.65 11.57 -15.01
C LEU A 154 15.83 11.99 -16.24
N LEU A 155 14.50 11.81 -16.19
CA LEU A 155 13.57 12.21 -17.26
C LEU A 155 13.57 13.75 -17.39
N HIS A 156 13.53 14.46 -16.24
CA HIS A 156 13.55 15.91 -16.12
C HIS A 156 14.90 16.51 -16.60
N SER A 157 16.04 16.00 -16.09
CA SER A 157 17.39 16.48 -16.48
C SER A 157 17.72 16.19 -17.94
N THR A 158 17.25 15.04 -18.49
CA THR A 158 17.45 14.69 -19.90
C THR A 158 16.70 15.70 -20.80
N ARG A 159 15.41 15.95 -20.52
CA ARG A 159 14.57 16.90 -21.27
C ARG A 159 15.12 18.32 -21.25
N LYS A 160 15.71 18.77 -20.10
CA LYS A 160 16.35 20.08 -19.97
C LYS A 160 17.59 20.12 -20.87
N GLN A 161 18.39 19.02 -20.85
CA GLN A 161 19.61 18.87 -21.65
C GLN A 161 19.32 18.88 -23.15
N VAL A 162 18.19 18.24 -23.57
CA VAL A 162 17.77 18.17 -24.98
C VAL A 162 17.38 19.55 -25.53
N GLU A 163 16.54 20.30 -24.77
CA GLU A 163 16.08 21.66 -25.14
C GLU A 163 17.25 22.65 -25.20
N GLU A 164 18.23 22.51 -24.29
CA GLU A 164 19.44 23.34 -24.25
C GLU A 164 20.37 23.02 -25.41
N ALA A 165 20.45 21.73 -25.81
CA ALA A 165 21.26 21.24 -26.93
C ALA A 165 20.73 21.78 -28.27
N GLY A 166 19.40 21.76 -28.43
CA GLY A 166 18.69 22.24 -29.62
C GLY A 166 19.11 21.61 -30.94
N ASP A 167 19.39 22.46 -31.94
CA ASP A 167 19.81 22.09 -33.30
C ASP A 167 21.14 21.31 -33.32
N LYS A 168 22.01 21.54 -32.32
CA LYS A 168 23.32 20.90 -32.17
C LYS A 168 23.25 19.38 -31.96
N LEU A 169 22.19 18.87 -31.31
CA LEU A 169 22.01 17.44 -31.08
C LEU A 169 21.58 16.75 -32.39
N PRO A 170 22.35 15.74 -32.89
CA PRO A 170 21.98 15.08 -34.16
C PRO A 170 20.63 14.35 -34.12
N ALA A 171 20.03 14.12 -35.32
CA ALA A 171 18.74 13.46 -35.48
C ALA A 171 18.70 12.04 -34.90
N ASP A 172 19.69 11.18 -35.29
CA ASP A 172 19.84 9.80 -34.82
C ASP A 172 19.89 9.69 -33.29
N ASP A 173 20.62 10.62 -32.64
CA ASP A 173 20.73 10.69 -31.18
C ASP A 173 19.40 11.10 -30.57
N LYS A 174 18.79 12.21 -31.07
CA LYS A 174 17.51 12.75 -30.62
C LYS A 174 16.36 11.73 -30.71
N THR A 175 16.28 10.94 -31.80
CA THR A 175 15.22 9.93 -31.97
C THR A 175 15.34 8.78 -30.96
N ALA A 176 16.58 8.32 -30.70
CA ALA A 176 16.89 7.25 -29.74
C ALA A 176 16.58 7.74 -28.32
N ILE A 177 16.83 9.04 -28.03
CA ILE A 177 16.56 9.67 -26.73
C ILE A 177 15.05 9.75 -26.49
N GLU A 178 14.28 10.28 -27.47
CA GLU A 178 12.82 10.43 -27.42
C GLU A 178 12.10 9.10 -27.15
N SER A 179 12.55 8.01 -27.81
CA SER A 179 11.98 6.68 -27.63
C SER A 179 12.32 6.10 -26.24
N ALA A 180 13.60 6.27 -25.80
CA ALA A 180 14.06 5.81 -24.49
C ALA A 180 13.36 6.55 -23.34
N LEU A 181 12.99 7.84 -23.56
CA LEU A 181 12.26 8.66 -22.60
C LEU A 181 10.85 8.11 -22.42
N THR A 182 10.22 7.68 -23.55
CA THR A 182 8.87 7.11 -23.58
C THR A 182 8.84 5.77 -22.85
N ALA A 183 9.86 4.91 -23.12
CA ALA A 183 10.00 3.61 -22.48
C ALA A 183 10.16 3.79 -20.97
N LEU A 184 10.92 4.83 -20.54
CA LEU A 184 11.12 5.13 -19.13
C LEU A 184 9.80 5.60 -18.51
N GLU A 185 9.09 6.53 -19.18
CA GLU A 185 7.78 7.05 -18.78
C GLU A 185 6.80 5.88 -18.47
N THR A 186 6.66 4.91 -19.40
CA THR A 186 5.81 3.72 -19.27
C THR A 186 6.20 2.84 -18.06
N ALA A 187 7.52 2.53 -17.90
CA ALA A 187 8.02 1.71 -16.79
C ALA A 187 7.74 2.37 -15.43
N LEU A 188 7.80 3.72 -15.35
CA LEU A 188 7.52 4.49 -14.13
C LEU A 188 6.10 4.27 -13.57
N LYS A 189 5.13 3.98 -14.46
CA LYS A 189 3.73 3.72 -14.06
C LYS A 189 3.60 2.34 -13.42
N GLY A 190 4.56 1.46 -13.71
CA GLY A 190 4.63 0.12 -13.13
C GLY A 190 5.21 0.11 -11.72
N GLU A 191 5.30 -1.10 -11.13
CA GLU A 191 5.76 -1.28 -9.76
CA GLU A 191 5.75 -1.33 -9.75
C GLU A 191 7.02 -2.16 -9.68
N ASP A 192 7.72 -2.28 -10.80
CA ASP A 192 8.94 -3.05 -10.89
C ASP A 192 10.12 -2.07 -10.92
N LYS A 193 10.83 -1.96 -9.77
CA LYS A 193 11.98 -1.07 -9.60
C LYS A 193 13.10 -1.37 -10.62
N ALA A 194 13.47 -2.65 -10.80
CA ALA A 194 14.53 -3.07 -11.74
C ALA A 194 14.18 -2.70 -13.18
N ALA A 195 12.88 -2.81 -13.57
CA ALA A 195 12.41 -2.45 -14.91
C ALA A 195 12.63 -0.95 -15.17
N ILE A 196 12.37 -0.11 -14.14
CA ILE A 196 12.55 1.34 -14.21
C ILE A 196 14.05 1.66 -14.39
N GLU A 197 14.90 1.09 -13.52
CA GLU A 197 16.36 1.30 -13.57
C GLU A 197 16.94 0.86 -14.91
N ALA A 198 16.38 -0.23 -15.49
CA ALA A 198 16.83 -0.74 -16.81
C ALA A 198 16.49 0.24 -17.93
N LYS A 199 15.29 0.86 -17.87
CA LYS A 199 14.89 1.88 -18.86
C LYS A 199 15.71 3.18 -18.68
N MET A 200 16.14 3.47 -17.42
CA MET A 200 17.02 4.59 -17.08
C MET A 200 18.40 4.32 -17.70
N GLN A 201 18.89 3.05 -17.58
CA GLN A 201 20.18 2.62 -18.13
C GLN A 201 20.18 2.66 -19.64
N GLU A 202 19.06 2.22 -20.27
CA GLU A 202 18.95 2.24 -21.73
C GLU A 202 18.96 3.67 -22.25
N LEU A 203 18.31 4.60 -21.53
CA LEU A 203 18.28 6.03 -21.86
C LEU A 203 19.68 6.64 -21.81
N ALA A 204 20.45 6.37 -20.74
CA ALA A 204 21.81 6.87 -20.52
C ALA A 204 22.76 6.38 -21.60
N GLN A 205 22.50 5.18 -22.17
CA GLN A 205 23.30 4.58 -23.23
C GLN A 205 23.13 5.33 -24.55
N VAL A 206 21.94 5.90 -24.79
CA VAL A 206 21.64 6.64 -26.02
C VAL A 206 21.77 8.18 -25.83
N SER A 207 22.21 8.62 -24.63
CA SER A 207 22.39 10.03 -24.27
C SER A 207 23.89 10.46 -24.15
N GLN A 208 24.82 9.58 -24.58
CA GLN A 208 26.27 9.82 -24.51
C GLN A 208 26.73 11.09 -25.25
N LYS A 209 26.13 11.36 -26.43
CA LYS A 209 26.43 12.58 -27.20
C LYS A 209 25.77 13.81 -26.57
N LEU A 210 24.63 13.61 -25.86
CA LEU A 210 23.90 14.68 -25.17
C LEU A 210 24.69 15.22 -23.96
N MET A 211 25.28 14.30 -23.17
CA MET A 211 26.09 14.60 -21.98
C MET A 211 27.35 15.37 -22.33
N GLU A 212 27.90 15.11 -23.54
CA GLU A 212 29.09 15.79 -24.08
C GLU A 212 28.73 17.25 -24.41
N ILE A 213 27.51 17.49 -24.91
CA ILE A 213 27.00 18.83 -25.25
C ILE A 213 26.69 19.57 -23.94
N VAL B 1 -31.35 10.30 -17.84
CA VAL B 1 -30.69 11.21 -16.88
C VAL B 1 -29.27 11.60 -17.33
N LEU B 2 -28.83 12.80 -16.92
CA LEU B 2 -27.44 13.30 -17.14
C LEU B 2 -26.67 13.24 -15.84
N LEU B 3 -27.37 12.93 -14.76
CA LEU B 3 -26.76 12.84 -13.43
C LEU B 3 -27.13 11.50 -12.83
N LEU B 4 -26.15 10.79 -12.31
CA LEU B 4 -26.33 9.52 -11.60
C LEU B 4 -25.42 9.49 -10.37
N ASP B 5 -26.00 9.21 -9.20
CA ASP B 5 -25.28 9.07 -7.94
C ASP B 5 -24.80 7.62 -7.87
N VAL B 6 -23.48 7.46 -7.90
CA VAL B 6 -22.84 6.15 -7.99
C VAL B 6 -21.68 6.04 -7.00
N THR B 7 -21.22 4.81 -6.79
CA THR B 7 -20.01 4.61 -5.97
C THR B 7 -18.86 4.76 -6.99
N PRO B 8 -17.92 5.71 -6.79
CA PRO B 8 -16.92 6.00 -7.84
C PRO B 8 -15.89 4.93 -8.19
N LEU B 9 -15.61 4.06 -7.22
CA LEU B 9 -14.61 3.00 -7.33
C LEU B 9 -15.19 1.69 -6.83
N SER B 10 -14.60 0.58 -7.29
CA SER B 10 -15.00 -0.75 -6.83
C SER B 10 -14.76 -0.88 -5.32
N LEU B 11 -15.60 -1.70 -4.66
CA LEU B 11 -15.49 -1.97 -3.23
C LEU B 11 -15.43 -3.46 -3.03
N GLY B 12 -14.52 -3.91 -2.19
CA GLY B 12 -14.39 -5.34 -1.94
C GLY B 12 -13.56 -5.64 -0.71
N ILE B 13 -13.06 -6.86 -0.66
CA ILE B 13 -12.27 -7.31 0.47
C ILE B 13 -11.00 -8.02 0.01
N GLU B 14 -10.02 -8.04 0.90
CA GLU B 14 -8.77 -8.73 0.67
C GLU B 14 -8.94 -10.22 0.86
N THR B 15 -8.46 -11.00 -0.13
CA THR B 15 -8.51 -12.46 -0.01
C THR B 15 -7.06 -12.98 -0.04
N MET B 16 -6.89 -14.29 0.25
CA MET B 16 -5.62 -15.00 0.30
CA MET B 16 -5.58 -14.93 0.33
C MET B 16 -4.64 -14.60 -0.83
N GLY B 17 -3.42 -14.23 -0.46
CA GLY B 17 -2.37 -13.82 -1.40
C GLY B 17 -2.31 -12.34 -1.73
N GLY B 18 -3.05 -11.52 -0.98
CA GLY B 18 -3.06 -10.07 -1.15
C GLY B 18 -3.82 -9.61 -2.39
N VAL B 19 -4.93 -10.26 -2.65
CA VAL B 19 -5.79 -9.97 -3.80
C VAL B 19 -7.02 -9.20 -3.34
N MET B 20 -7.50 -8.27 -4.17
CA MET B 20 -8.79 -7.62 -3.88
C MET B 20 -9.85 -8.40 -4.67
N THR B 21 -10.91 -8.85 -3.98
CA THR B 21 -12.10 -9.51 -4.55
C THR B 21 -13.23 -8.47 -4.48
N THR B 22 -13.73 -8.03 -5.64
CA THR B 22 -14.77 -7.01 -5.69
C THR B 22 -16.18 -7.53 -5.29
N LEU B 23 -16.91 -6.76 -4.46
CA LEU B 23 -18.33 -7.05 -4.13
C LEU B 23 -19.26 -6.07 -4.88
N ILE B 24 -18.84 -4.80 -5.04
CA ILE B 24 -19.61 -3.78 -5.75
C ILE B 24 -18.66 -3.14 -6.78
N ALA B 25 -19.00 -3.24 -8.07
CA ALA B 25 -18.18 -2.67 -9.14
C ALA B 25 -18.23 -1.15 -9.11
N LYS B 26 -17.17 -0.48 -9.65
CA LYS B 26 -17.15 0.97 -9.76
C LYS B 26 -18.35 1.41 -10.61
N ASN B 27 -18.85 2.61 -10.34
CA ASN B 27 -19.97 3.22 -11.05
C ASN B 27 -21.33 2.55 -10.85
N THR B 28 -21.48 1.74 -9.78
CA THR B 28 -22.79 1.13 -9.48
C THR B 28 -23.68 2.23 -8.87
N THR B 29 -24.93 2.33 -9.32
CA THR B 29 -25.86 3.29 -8.73
C THR B 29 -26.19 2.97 -7.28
N ILE B 30 -26.33 3.99 -6.46
CA ILE B 30 -26.69 3.82 -5.07
C ILE B 30 -28.20 4.14 -4.91
N PRO B 31 -28.96 3.47 -3.99
CA PRO B 31 -28.54 2.44 -3.04
C PRO B 31 -28.29 1.10 -3.73
N THR B 32 -27.42 0.28 -3.12
CA THR B 32 -27.06 -1.03 -3.69
C THR B 32 -26.67 -1.98 -2.58
N LYS B 33 -26.77 -3.28 -2.86
CA LYS B 33 -26.37 -4.32 -1.91
C LYS B 33 -25.93 -5.55 -2.68
N HIS B 34 -24.90 -6.22 -2.20
CA HIS B 34 -24.42 -7.45 -2.82
C HIS B 34 -23.77 -8.31 -1.74
N SER B 35 -23.91 -9.62 -1.90
CA SER B 35 -23.38 -10.63 -1.00
C SER B 35 -22.58 -11.64 -1.78
N GLN B 36 -21.55 -12.19 -1.15
CA GLN B 36 -20.73 -13.24 -1.73
C GLN B 36 -20.23 -14.11 -0.58
N VAL B 37 -20.15 -15.43 -0.83
CA VAL B 37 -19.70 -16.41 0.16
C VAL B 37 -18.21 -16.65 0.00
N PHE B 38 -17.50 -16.57 1.11
CA PHE B 38 -16.06 -16.80 1.19
C PHE B 38 -15.81 -17.99 2.09
N SER B 39 -14.56 -18.42 2.15
CA SER B 39 -14.17 -19.52 3.01
C SER B 39 -12.85 -19.24 3.68
N THR B 40 -12.35 -20.21 4.44
CA THR B 40 -11.08 -20.08 5.16
C THR B 40 -9.92 -20.53 4.29
N ALA B 41 -8.74 -19.98 4.56
CA ALA B 41 -7.53 -20.27 3.79
C ALA B 41 -6.75 -21.48 4.28
N GLU B 42 -6.81 -21.77 5.60
CA GLU B 42 -6.10 -22.92 6.16
C GLU B 42 -7.02 -23.84 6.94
N ASP B 43 -6.60 -25.10 7.12
CA ASP B 43 -7.38 -26.10 7.87
C ASP B 43 -7.46 -25.66 9.31
N ASN B 44 -8.66 -25.81 9.91
CA ASN B 44 -8.94 -25.47 11.31
C ASN B 44 -8.86 -23.99 11.67
N GLN B 45 -8.88 -23.10 10.65
CA GLN B 45 -8.85 -21.63 10.84
C GLN B 45 -10.05 -21.25 11.69
N SER B 46 -9.78 -20.61 12.85
CA SER B 46 -10.81 -20.26 13.83
C SER B 46 -11.38 -18.87 13.63
N ALA B 47 -10.71 -18.04 12.83
CA ALA B 47 -11.14 -16.67 12.60
C ALA B 47 -10.73 -16.18 11.23
N VAL B 48 -11.44 -15.17 10.72
CA VAL B 48 -11.15 -14.52 9.45
C VAL B 48 -11.09 -13.02 9.69
N THR B 49 -10.22 -12.32 8.94
CA THR B 49 -10.16 -10.86 8.96
C THR B 49 -10.88 -10.42 7.67
N ILE B 50 -11.78 -9.43 7.79
CA ILE B 50 -12.51 -8.83 6.69
C ILE B 50 -11.88 -7.45 6.52
N HIS B 51 -11.07 -7.26 5.47
CA HIS B 51 -10.36 -6.02 5.23
C HIS B 51 -11.01 -5.37 4.04
N VAL B 52 -11.72 -4.28 4.29
CA VAL B 52 -12.54 -3.58 3.30
C VAL B 52 -11.66 -2.61 2.51
N LEU B 53 -11.76 -2.69 1.19
CA LEU B 53 -10.93 -1.92 0.28
C LEU B 53 -11.74 -1.19 -0.78
N GLN B 54 -11.18 -0.08 -1.23
CA GLN B 54 -11.78 0.70 -2.32
C GLN B 54 -10.71 0.89 -3.43
N GLY B 55 -11.04 0.56 -4.66
CA GLY B 55 -10.07 0.75 -5.74
C GLY B 55 -10.18 -0.27 -6.85
N GLU B 56 -9.38 -0.09 -7.89
CA GLU B 56 -9.43 -0.91 -9.10
C GLU B 56 -8.26 -1.86 -9.29
N ARG B 57 -7.31 -1.86 -8.35
CA ARG B 57 -6.16 -2.73 -8.49
C ARG B 57 -6.47 -4.14 -8.02
N LYS B 58 -5.86 -5.13 -8.69
CA LYS B 58 -6.03 -6.53 -8.29
C LYS B 58 -5.16 -6.82 -7.05
N ARG B 59 -4.07 -6.03 -6.85
CA ARG B 59 -3.20 -6.11 -5.67
C ARG B 59 -3.86 -5.30 -4.56
N ALA B 60 -4.30 -5.97 -3.47
CA ALA B 60 -5.00 -5.35 -2.31
C ALA B 60 -4.18 -4.18 -1.73
N ALA B 61 -2.84 -4.36 -1.63
CA ALA B 61 -1.93 -3.32 -1.10
C ALA B 61 -2.01 -2.00 -1.82
N ASP B 62 -2.38 -2.01 -3.13
CA ASP B 62 -2.50 -0.82 -3.95
C ASP B 62 -3.87 -0.14 -3.88
N ASN B 63 -4.82 -0.72 -3.11
CA ASN B 63 -6.14 -0.12 -2.95
C ASN B 63 -6.23 0.60 -1.61
N LYS B 64 -7.25 1.46 -1.48
CA LYS B 64 -7.48 2.24 -0.27
C LYS B 64 -8.20 1.38 0.79
N SER B 65 -7.59 1.26 1.96
CA SER B 65 -8.17 0.54 3.09
C SER B 65 -9.28 1.41 3.74
N LEU B 66 -10.51 0.85 3.88
CA LEU B 66 -11.66 1.57 4.47
C LEU B 66 -11.94 1.15 5.91
N GLY B 67 -11.47 -0.01 6.27
CA GLY B 67 -11.70 -0.54 7.61
C GLY B 67 -11.51 -2.03 7.64
N GLN B 68 -11.61 -2.62 8.83
CA GLN B 68 -11.39 -4.07 8.98
C GLN B 68 -11.97 -4.53 10.28
N PHE B 69 -12.43 -5.77 10.29
CA PHE B 69 -12.95 -6.40 11.50
C PHE B 69 -12.68 -7.90 11.40
N ASN B 70 -12.77 -8.59 12.54
CA ASN B 70 -12.56 -10.02 12.55
C ASN B 70 -13.84 -10.71 12.87
N LEU B 71 -14.01 -11.94 12.34
CA LEU B 71 -15.11 -12.82 12.66
C LEU B 71 -14.47 -14.07 13.25
N ASP B 72 -14.73 -14.35 14.52
CA ASP B 72 -14.15 -15.54 15.13
C ASP B 72 -15.20 -16.60 15.43
N GLY B 73 -14.79 -17.67 16.11
CA GLY B 73 -15.70 -18.76 16.45
C GLY B 73 -15.92 -19.75 15.32
N ILE B 74 -15.08 -19.71 14.26
CA ILE B 74 -15.25 -20.67 13.15
C ILE B 74 -14.85 -22.06 13.67
N ASN B 75 -15.80 -23.01 13.59
CA ASN B 75 -15.55 -24.37 14.06
C ASN B 75 -14.51 -25.10 13.22
N PRO B 76 -13.72 -26.03 13.79
CA PRO B 76 -12.70 -26.73 12.98
C PRO B 76 -13.28 -27.39 11.74
N ALA B 77 -12.62 -27.21 10.60
CA ALA B 77 -13.03 -27.76 9.30
C ALA B 77 -11.87 -27.68 8.32
N PRO B 78 -11.81 -28.57 7.29
CA PRO B 78 -10.76 -28.43 6.27
C PRO B 78 -10.92 -27.07 5.57
N ARG B 79 -9.80 -26.48 5.10
CA ARG B 79 -9.84 -25.19 4.39
C ARG B 79 -10.83 -25.27 3.22
N GLY B 80 -11.54 -24.18 2.96
CA GLY B 80 -12.52 -24.13 1.87
C GLY B 80 -13.92 -24.66 2.19
N MET B 81 -14.13 -25.26 3.39
CA MET B 81 -15.42 -25.81 3.75
CA MET B 81 -15.42 -25.82 3.82
C MET B 81 -16.34 -24.81 4.50
N PRO B 82 -15.86 -23.99 5.48
CA PRO B 82 -16.78 -23.03 6.10
C PRO B 82 -17.38 -22.06 5.09
N GLN B 83 -18.60 -21.57 5.37
CA GLN B 83 -19.28 -20.62 4.49
C GLN B 83 -19.43 -19.31 5.23
N ILE B 84 -18.61 -18.31 4.85
CA ILE B 84 -18.63 -16.96 5.44
C ILE B 84 -19.29 -16.00 4.45
N GLU B 85 -20.54 -15.63 4.70
CA GLU B 85 -21.24 -14.72 3.81
C GLU B 85 -20.91 -13.30 4.12
N VAL B 86 -20.34 -12.60 3.14
CA VAL B 86 -19.99 -11.19 3.30
C VAL B 86 -20.99 -10.34 2.51
N THR B 87 -21.61 -9.35 3.18
CA THR B 87 -22.58 -8.46 2.55
C THR B 87 -22.08 -7.02 2.58
N PHE B 88 -22.16 -6.34 1.45
CA PHE B 88 -21.85 -4.91 1.33
C PHE B 88 -23.17 -4.23 1.00
N ASP B 89 -23.62 -3.31 1.84
CA ASP B 89 -24.85 -2.56 1.63
C ASP B 89 -24.52 -1.06 1.71
N ILE B 90 -24.79 -0.32 0.64
CA ILE B 90 -24.60 1.14 0.62
C ILE B 90 -25.99 1.71 0.56
N ASP B 91 -26.36 2.50 1.57
CA ASP B 91 -27.67 3.12 1.63
C ASP B 91 -27.71 4.41 0.82
N ALA B 92 -28.88 5.07 0.81
CA ALA B 92 -29.17 6.31 0.08
C ALA B 92 -28.28 7.49 0.54
N ASP B 93 -27.74 7.42 1.77
CA ASP B 93 -26.84 8.44 2.34
C ASP B 93 -25.36 8.17 2.05
N GLY B 94 -25.07 7.07 1.35
CA GLY B 94 -23.70 6.70 1.00
C GLY B 94 -22.94 6.00 2.11
N ILE B 95 -23.62 5.63 3.19
CA ILE B 95 -22.99 4.89 4.30
C ILE B 95 -22.89 3.43 3.89
N LEU B 96 -21.68 2.86 4.01
CA LEU B 96 -21.43 1.47 3.67
C LEU B 96 -21.49 0.58 4.92
N HIS B 97 -22.33 -0.47 4.86
CA HIS B 97 -22.53 -1.44 5.93
C HIS B 97 -21.94 -2.75 5.45
N VAL B 98 -20.96 -3.26 6.17
CA VAL B 98 -20.29 -4.51 5.79
C VAL B 98 -20.53 -5.50 6.91
N SER B 99 -21.07 -6.67 6.60
CA SER B 99 -21.29 -7.72 7.58
C SER B 99 -20.69 -9.03 7.08
N ALA B 100 -20.28 -9.89 8.02
CA ALA B 100 -19.78 -11.24 7.71
C ALA B 100 -20.52 -12.19 8.64
N LYS B 101 -21.07 -13.28 8.10
CA LYS B 101 -21.80 -14.28 8.89
C LYS B 101 -21.34 -15.68 8.53
N ASP B 102 -21.07 -16.49 9.55
CA ASP B 102 -20.66 -17.87 9.40
C ASP B 102 -21.94 -18.69 9.47
N LYS B 103 -22.27 -19.36 8.36
CA LYS B 103 -23.48 -20.18 8.18
C LYS B 103 -23.61 -21.32 9.19
N ASN B 104 -22.48 -21.95 9.59
CA ASN B 104 -22.46 -23.05 10.55
C ASN B 104 -22.59 -22.57 12.01
N SER B 105 -21.73 -21.64 12.44
CA SER B 105 -21.79 -21.19 13.83
C SER B 105 -22.93 -20.20 14.10
N GLY B 106 -23.38 -19.47 13.07
CA GLY B 106 -24.43 -18.46 13.20
C GLY B 106 -23.89 -17.15 13.73
N LYS B 107 -22.55 -17.06 13.94
CA LYS B 107 -21.89 -15.85 14.45
C LYS B 107 -21.81 -14.80 13.35
N GLU B 108 -21.97 -13.55 13.71
CA GLU B 108 -21.95 -12.44 12.79
C GLU B 108 -21.22 -11.26 13.41
N GLN B 109 -20.51 -10.51 12.57
CA GLN B 109 -19.80 -9.29 12.94
C GLN B 109 -19.98 -8.31 11.82
N LYS B 110 -19.98 -7.02 12.17
CA LYS B 110 -20.20 -5.99 11.16
C LYS B 110 -19.47 -4.71 11.49
N ILE B 111 -19.38 -3.82 10.49
CA ILE B 111 -18.86 -2.46 10.65
C ILE B 111 -19.70 -1.51 9.80
N THR B 112 -19.65 -0.23 10.16
CA THR B 112 -20.29 0.86 9.44
C THR B 112 -19.16 1.78 8.95
N ILE B 113 -19.16 2.13 7.67
CA ILE B 113 -18.13 3.01 7.07
C ILE B 113 -18.83 4.22 6.51
N LYS B 114 -18.48 5.40 7.06
CA LYS B 114 -19.10 6.68 6.70
C LYS B 114 -18.88 7.07 5.23
N ALA B 115 -19.84 7.79 4.65
CA ALA B 115 -19.82 8.23 3.23
C ALA B 115 -18.55 9.01 2.79
N SER B 116 -17.95 9.78 3.71
CA SER B 116 -16.75 10.59 3.39
C SER B 116 -15.47 9.75 3.35
N SER B 117 -15.52 8.46 3.75
CA SER B 117 -14.34 7.59 3.76
C SER B 117 -13.75 7.35 2.37
N GLY B 118 -12.49 6.90 2.32
CA GLY B 118 -11.86 6.54 1.06
C GLY B 118 -11.23 7.68 0.29
N LEU B 119 -11.10 7.48 -1.01
CA LEU B 119 -10.39 8.38 -1.91
C LEU B 119 -11.20 9.58 -2.36
N ASN B 120 -10.57 10.77 -2.39
CA ASN B 120 -11.25 11.97 -2.87
C ASN B 120 -11.30 12.00 -4.41
N GLU B 121 -11.95 13.01 -5.01
CA GLU B 121 -12.08 13.19 -6.47
C GLU B 121 -10.77 13.09 -7.25
N ASP B 122 -9.70 13.77 -6.80
CA ASP B 122 -8.44 13.70 -7.51
C ASP B 122 -7.76 12.32 -7.43
N GLU B 123 -7.89 11.66 -6.27
CA GLU B 123 -7.33 10.32 -6.05
C GLU B 123 -8.13 9.26 -6.82
N ILE B 124 -9.42 9.52 -7.07
CA ILE B 124 -10.27 8.58 -7.83
C ILE B 124 -9.77 8.49 -9.29
N GLN B 125 -9.56 9.63 -9.95
CA GLN B 125 -9.11 9.63 -11.37
C GLN B 125 -7.71 9.04 -11.53
N LYS B 126 -6.83 9.32 -10.56
CA LYS B 126 -5.47 8.79 -10.46
C LYS B 126 -5.54 7.24 -10.34
N MET B 127 -6.49 6.72 -9.52
CA MET B 127 -6.70 5.29 -9.31
C MET B 127 -7.14 4.62 -10.60
N VAL B 128 -8.10 5.24 -11.32
CA VAL B 128 -8.58 4.70 -12.61
C VAL B 128 -7.42 4.61 -13.62
N ARG B 129 -6.62 5.68 -13.72
CA ARG B 129 -5.47 5.73 -14.62
C ARG B 129 -4.40 4.70 -14.27
N ASP B 130 -4.08 4.54 -12.97
CA ASP B 130 -3.13 3.56 -12.44
C ASP B 130 -3.56 2.10 -12.78
N ALA B 131 -4.84 1.77 -12.57
CA ALA B 131 -5.39 0.43 -12.88
C ALA B 131 -5.29 0.12 -14.39
N GLU B 132 -5.61 1.12 -15.24
CA GLU B 132 -5.49 0.98 -16.69
C GLU B 132 -4.01 0.75 -17.10
N ALA B 133 -3.05 1.51 -16.54
CA ALA B 133 -1.62 1.37 -16.85
C ALA B 133 -1.03 0.04 -16.33
N ASN B 134 -1.63 -0.52 -15.27
CA ASN B 134 -1.19 -1.77 -14.66
C ASN B 134 -2.10 -2.97 -14.92
N ALA B 135 -3.00 -2.88 -15.93
CA ALA B 135 -3.93 -3.96 -16.28
C ALA B 135 -3.22 -5.30 -16.57
N GLU B 136 -2.15 -5.26 -17.40
CA GLU B 136 -1.35 -6.44 -17.77
C GLU B 136 -0.60 -7.03 -16.56
N ALA B 137 0.15 -6.19 -15.81
CA ALA B 137 0.87 -6.61 -14.61
C ALA B 137 -0.11 -7.21 -13.56
N ASP B 138 -1.35 -6.67 -13.45
CA ASP B 138 -2.34 -7.20 -12.48
C ASP B 138 -2.87 -8.57 -12.92
N ARG B 139 -3.03 -8.77 -14.24
CA ARG B 139 -3.44 -10.04 -14.87
C ARG B 139 -2.36 -11.09 -14.55
N LYS B 140 -1.06 -10.71 -14.64
CA LYS B 140 0.07 -11.61 -14.33
C LYS B 140 0.12 -11.92 -12.83
N PHE B 141 -0.19 -10.91 -11.99
CA PHE B 141 -0.23 -11.03 -10.52
C PHE B 141 -1.25 -12.08 -10.07
N GLU B 142 -2.45 -12.04 -10.66
CA GLU B 142 -3.54 -12.98 -10.33
C GLU B 142 -3.14 -14.40 -10.62
N GLU B 143 -2.37 -14.60 -11.72
CA GLU B 143 -1.83 -15.88 -12.12
C GLU B 143 -0.76 -16.38 -11.15
N LEU B 144 0.09 -15.48 -10.62
CA LEU B 144 1.13 -15.85 -9.66
C LEU B 144 0.56 -16.21 -8.26
N VAL B 145 -0.55 -15.55 -7.83
CA VAL B 145 -1.19 -15.81 -6.53
C VAL B 145 -1.81 -17.22 -6.39
N GLN B 146 -2.39 -17.79 -7.45
CA GLN B 146 -2.91 -19.17 -7.43
C GLN B 146 -1.77 -20.15 -7.08
N THR B 147 -0.58 -19.95 -7.68
CA THR B 147 0.65 -20.72 -7.42
C THR B 147 1.15 -20.40 -6.02
N ARG B 148 1.19 -19.09 -5.67
CA ARG B 148 1.61 -18.63 -4.34
C ARG B 148 0.75 -19.25 -3.25
N ASN B 149 -0.59 -19.32 -3.47
CA ASN B 149 -1.52 -19.92 -2.51
C ASN B 149 -1.31 -21.42 -2.34
N GLN B 150 -1.09 -22.16 -3.43
CA GLN B 150 -0.76 -23.59 -3.41
C GLN B 150 0.52 -23.79 -2.58
N GLY B 151 1.48 -22.87 -2.78
CA GLY B 151 2.76 -22.83 -2.07
C GLY B 151 2.57 -22.83 -0.57
N ASP B 152 1.66 -21.98 -0.06
CA ASP B 152 1.31 -21.88 1.36
C ASP B 152 0.56 -23.11 1.89
N HIS B 153 -0.41 -23.61 1.11
CA HIS B 153 -1.21 -24.80 1.45
C HIS B 153 -0.36 -26.06 1.72
N LEU B 154 0.70 -26.29 0.89
CA LEU B 154 1.64 -27.41 1.04
C LEU B 154 2.51 -27.23 2.29
N LEU B 155 3.08 -26.02 2.43
CA LEU B 155 3.91 -25.56 3.54
C LEU B 155 3.17 -25.77 4.89
N HIS B 156 1.86 -25.48 4.93
CA HIS B 156 1.03 -25.67 6.11
C HIS B 156 0.70 -27.15 6.34
N SER B 157 0.25 -27.87 5.27
CA SER B 157 -0.14 -29.29 5.36
C SER B 157 1.00 -30.22 5.79
N THR B 158 2.22 -29.97 5.28
CA THR B 158 3.42 -30.75 5.59
C THR B 158 3.89 -30.60 7.03
N ARG B 159 4.03 -29.35 7.53
CA ARG B 159 4.53 -29.17 8.89
C ARG B 159 3.54 -29.43 10.04
N LYS B 160 2.24 -29.65 9.70
CA LYS B 160 1.23 -30.07 10.67
C LYS B 160 1.36 -31.60 10.79
N GLN B 161 1.68 -32.26 9.64
CA GLN B 161 1.94 -33.70 9.53
C GLN B 161 3.28 -34.08 10.18
N VAL B 162 4.23 -33.12 10.20
CA VAL B 162 5.57 -33.25 10.80
C VAL B 162 5.47 -33.32 12.35
N GLU B 163 4.45 -32.63 12.94
CA GLU B 163 4.21 -32.61 14.38
C GLU B 163 3.48 -33.88 14.84
N GLU B 164 2.43 -34.29 14.08
CA GLU B 164 1.60 -35.49 14.32
C GLU B 164 2.42 -36.78 14.39
N ALA B 165 3.40 -36.94 13.47
CA ALA B 165 4.29 -38.10 13.38
C ALA B 165 5.31 -38.15 14.53
N GLY B 166 6.00 -37.04 14.76
CA GLY B 166 7.01 -36.88 15.81
C GLY B 166 8.06 -37.96 15.88
N ASP B 167 7.89 -38.89 16.82
CA ASP B 167 8.78 -40.05 17.06
C ASP B 167 8.75 -41.05 15.88
N LYS B 168 7.58 -41.22 15.25
CA LYS B 168 7.35 -42.13 14.13
C LYS B 168 8.13 -41.76 12.86
N LEU B 169 8.38 -40.44 12.64
CA LEU B 169 9.14 -39.91 11.51
C LEU B 169 10.66 -39.98 11.77
N PRO B 170 11.46 -40.53 10.82
CA PRO B 170 12.92 -40.58 11.04
C PRO B 170 13.54 -39.17 11.09
N ALA B 171 14.43 -38.95 12.08
CA ALA B 171 15.09 -37.67 12.36
C ALA B 171 15.84 -37.06 11.18
N ASP B 172 16.46 -37.91 10.33
CA ASP B 172 17.20 -37.50 9.13
C ASP B 172 16.24 -36.97 8.05
N ASP B 173 15.04 -37.57 7.96
CA ASP B 173 13.98 -37.17 7.03
C ASP B 173 13.39 -35.81 7.43
N LYS B 174 13.38 -35.52 8.74
CA LYS B 174 12.92 -34.23 9.29
C LYS B 174 13.93 -33.13 8.88
N THR B 175 15.24 -33.44 8.91
CA THR B 175 16.31 -32.52 8.50
C THR B 175 16.11 -32.14 7.01
N ALA B 176 15.88 -33.16 6.15
CA ALA B 176 15.64 -33.03 4.71
C ALA B 176 14.33 -32.26 4.41
N ILE B 177 13.27 -32.49 5.21
CA ILE B 177 11.96 -31.83 5.08
C ILE B 177 12.02 -30.36 5.53
N GLU B 178 12.62 -30.09 6.70
CA GLU B 178 12.75 -28.73 7.25
C GLU B 178 13.65 -27.84 6.38
N SER B 179 14.64 -28.43 5.69
CA SER B 179 15.53 -27.72 4.76
C SER B 179 14.73 -27.31 3.51
N ALA B 180 13.82 -28.20 3.06
CA ALA B 180 12.94 -28.02 1.91
C ALA B 180 11.72 -27.11 2.22
N LEU B 181 11.31 -27.03 3.51
CA LEU B 181 10.23 -26.16 3.96
C LEU B 181 10.74 -24.69 3.96
N THR B 182 12.00 -24.47 4.42
CA THR B 182 12.64 -23.15 4.46
C THR B 182 12.88 -22.61 3.03
N ALA B 183 13.20 -23.52 2.08
CA ALA B 183 13.47 -23.19 0.67
C ALA B 183 12.23 -22.64 -0.05
N LEU B 184 11.06 -23.24 0.22
CA LEU B 184 9.80 -22.82 -0.37
C LEU B 184 9.38 -21.44 0.13
N GLU B 185 9.55 -21.16 1.44
CA GLU B 185 9.25 -19.86 2.08
C GLU B 185 9.98 -18.70 1.40
N THR B 186 11.21 -18.96 0.91
CA THR B 186 12.08 -17.99 0.22
C THR B 186 11.56 -17.70 -1.19
N ALA B 187 11.23 -18.78 -1.96
CA ALA B 187 10.73 -18.72 -3.35
C ALA B 187 9.39 -18.00 -3.47
N LEU B 188 8.51 -18.15 -2.45
CA LEU B 188 7.18 -17.52 -2.40
C LEU B 188 7.22 -15.99 -2.45
N LYS B 189 8.31 -15.37 -1.92
CA LYS B 189 8.52 -13.92 -1.92
C LYS B 189 8.71 -13.32 -3.32
N GLY B 190 9.25 -14.11 -4.25
CA GLY B 190 9.51 -13.69 -5.63
C GLY B 190 8.29 -13.79 -6.54
N GLU B 191 8.45 -13.35 -7.82
CA GLU B 191 7.36 -13.37 -8.83
C GLU B 191 7.50 -14.48 -9.91
N ASP B 192 8.28 -15.54 -9.64
CA ASP B 192 8.43 -16.60 -10.63
C ASP B 192 7.62 -17.86 -10.27
N LYS B 193 6.62 -18.20 -11.12
CA LYS B 193 5.72 -19.35 -10.95
C LYS B 193 6.51 -20.68 -10.93
N ALA B 194 7.40 -20.91 -11.92
CA ALA B 194 8.23 -22.13 -11.99
C ALA B 194 9.10 -22.31 -10.74
N ALA B 195 9.75 -21.22 -10.26
CA ALA B 195 10.62 -21.19 -9.08
C ALA B 195 9.88 -21.67 -7.83
N ILE B 196 8.63 -21.21 -7.64
CA ILE B 196 7.77 -21.60 -6.51
C ILE B 196 7.44 -23.09 -6.65
N GLU B 197 6.98 -23.51 -7.84
CA GLU B 197 6.66 -24.92 -8.12
C GLU B 197 7.85 -25.84 -7.96
N ALA B 198 9.06 -25.37 -8.37
CA ALA B 198 10.31 -26.14 -8.25
C ALA B 198 10.61 -26.49 -6.80
N LYS B 199 10.40 -25.53 -5.88
CA LYS B 199 10.59 -25.69 -4.44
C LYS B 199 9.55 -26.57 -3.79
N MET B 200 8.33 -26.63 -4.35
CA MET B 200 7.26 -27.50 -3.85
C MET B 200 7.62 -28.95 -4.16
N GLN B 201 8.24 -29.18 -5.35
CA GLN B 201 8.68 -30.52 -5.79
C GLN B 201 9.77 -31.07 -4.87
N GLU B 202 10.74 -30.22 -4.48
CA GLU B 202 11.87 -30.56 -3.62
C GLU B 202 11.38 -31.08 -2.26
N LEU B 203 10.26 -30.50 -1.78
CA LEU B 203 9.60 -30.88 -0.55
C LEU B 203 8.98 -32.29 -0.72
N ALA B 204 8.09 -32.48 -1.72
CA ALA B 204 7.44 -33.76 -2.03
C ALA B 204 8.43 -34.94 -2.15
N GLN B 205 9.62 -34.70 -2.74
CA GLN B 205 10.71 -35.69 -2.93
C GLN B 205 11.23 -36.27 -1.60
N VAL B 206 11.40 -35.43 -0.58
CA VAL B 206 11.91 -35.83 0.75
C VAL B 206 10.79 -36.19 1.76
N SER B 207 9.51 -36.14 1.30
CA SER B 207 8.33 -36.43 2.11
C SER B 207 7.64 -37.75 1.71
N GLN B 208 8.36 -38.89 1.75
CA GLN B 208 7.73 -40.17 1.41
C GLN B 208 7.42 -41.06 2.63
N LYS B 209 8.15 -40.87 3.75
CA LYS B 209 7.91 -41.61 4.99
C LYS B 209 7.22 -40.73 6.07
N LEU B 210 6.89 -39.48 5.69
CA LEU B 210 6.14 -38.49 6.48
C LEU B 210 4.66 -38.74 6.14
N MET B 211 4.40 -39.21 4.89
CA MET B 211 3.09 -39.53 4.34
C MET B 211 2.86 -41.04 4.43
N ARG C 7 -14.61 -20.52 -4.62
CA ARG C 7 -14.89 -19.77 -3.40
C ARG C 7 -13.60 -19.07 -2.88
N PRO C 8 -13.51 -17.71 -2.94
CA PRO C 8 -12.29 -17.02 -2.48
C PRO C 8 -12.05 -17.22 -0.98
N ARG C 9 -10.78 -17.39 -0.60
CA ARG C 9 -10.41 -17.69 0.77
C ARG C 9 -9.92 -16.48 1.55
N LEU C 10 -10.20 -16.47 2.85
CA LEU C 10 -9.87 -15.34 3.72
C LEU C 10 -8.72 -15.61 4.67
N PRO C 11 -7.85 -14.60 4.91
CA PRO C 11 -6.75 -14.81 5.87
C PRO C 11 -7.27 -14.76 7.31
N ARG C 12 -6.49 -15.30 8.23
CA ARG C 12 -6.79 -15.27 9.65
C ARG C 12 -6.26 -13.93 10.23
N PRO C 13 -6.79 -13.46 11.39
CA PRO C 13 -6.23 -12.23 11.99
C PRO C 13 -4.74 -12.38 12.31
N ARG C 14 -3.98 -11.29 12.16
CA ARG C 14 -2.54 -11.24 12.41
C ARG C 14 -2.16 -11.69 13.84
N PRO C 15 -1.24 -12.67 13.99
CA PRO C 15 -0.87 -13.13 15.34
C PRO C 15 0.01 -12.14 16.09
N ARG D 6 19.00 15.75 1.66
CA ARG D 6 17.91 16.09 0.72
C ARG D 6 16.69 16.64 1.45
N ARG D 7 15.99 17.56 0.79
CA ARG D 7 14.73 18.10 1.30
C ARG D 7 13.63 17.24 0.64
N PRO D 8 12.74 16.57 1.41
CA PRO D 8 11.66 15.80 0.76
C PRO D 8 10.71 16.78 0.07
N ARG D 9 10.02 16.30 -0.95
CA ARG D 9 9.16 17.17 -1.73
C ARG D 9 7.68 17.02 -1.51
N LEU D 10 6.93 18.12 -1.66
CA LEU D 10 5.49 18.18 -1.44
C LEU D 10 4.66 18.28 -2.73
N PRO D 11 3.49 17.61 -2.79
CA PRO D 11 2.65 17.75 -4.00
C PRO D 11 1.77 19.03 -3.99
N ARG D 12 1.22 19.37 -5.17
CA ARG D 12 0.33 20.53 -5.33
C ARG D 12 -1.11 20.18 -4.88
N PRO D 13 -1.94 21.16 -4.44
CA PRO D 13 -3.32 20.85 -4.04
C PRO D 13 -4.17 20.27 -5.17
N ARG D 14 -5.24 19.52 -4.79
CA ARG D 14 -6.23 18.87 -5.68
C ARG D 14 -6.63 19.76 -6.86
#